data_3HMQ
#
_entry.id   3HMQ
#
_cell.length_a   91.820
_cell.length_b   91.820
_cell.length_c   75.050
_cell.angle_alpha   90.00
_cell.angle_beta   90.00
_cell.angle_gamma   120.00
#
_symmetry.space_group_name_H-M   'P 31 2 1'
#
loop_
_entity.id
_entity.type
_entity.pdbx_description
1 polymer 'NH(3)-dependent NAD(+) synthetase'
2 non-polymer 'SULFATE ION'
3 non-polymer NICOTINAMIDE-ADENINE-DINUCLEOTIDE
4 water water
#
_entity_poly.entity_id   1
_entity_poly.type   'polypeptide(L)'
_entity_poly.pdbx_seq_one_letter_code
;(MSE)TLQQEIIQALGAKPHINPEEEIRRSVDFLKAYLKTYPFLKSLVLGISGGQDSTLAGKLSQ(MSE)AIAELREETG
DNALQFIAVRLPYGVQADEQDCQDAIAFIQPDRVLTVNIKGAVLASEQALREAGIELSDFVRGNEKARER(MSE)KAQYS
IAG(MSE)THGVVVGTDHAAEAITGFFTKYGDGGTDINPLHRLNKRQGKQLLAALGCPEHLYKKVPTADLEDDRPSLPDE
AALGVTYDNIDDYLEGKTLDPAIAKTIEGWYVKTEHKRRLPITVFDDFWKR
;
_entity_poly.pdbx_strand_id   A
#
loop_
_chem_comp.id
_chem_comp.type
_chem_comp.name
_chem_comp.formula
NAD non-polymer NICOTINAMIDE-ADENINE-DINUCLEOTIDE 'C21 H27 N7 O14 P2'
SO4 non-polymer 'SULFATE ION' 'O4 S -2'
#
# COMPACT_ATOMS: atom_id res chain seq x y z
N MSE A 1 18.36 -23.09 6.32
CA MSE A 1 17.40 -21.96 6.55
C MSE A 1 15.97 -22.47 6.31
O MSE A 1 15.71 -23.09 5.30
CB MSE A 1 17.74 -20.78 5.62
CG MSE A 1 16.99 -19.50 5.92
SE MSE A 1 17.77 -17.88 5.09
CE MSE A 1 19.48 -17.85 6.02
N THR A 2 15.08 -22.20 7.26
CA THR A 2 13.68 -22.61 7.15
C THR A 2 12.92 -21.65 6.21
N LEU A 3 11.72 -22.03 5.83
CA LEU A 3 10.93 -21.18 4.94
C LEU A 3 10.52 -19.92 5.70
N GLN A 4 10.22 -20.06 6.99
CA GLN A 4 9.87 -18.90 7.81
C GLN A 4 11.03 -17.90 7.82
N GLN A 5 12.26 -18.39 7.97
CA GLN A 5 13.44 -17.52 7.96
C GLN A 5 13.64 -16.83 6.60
N GLU A 6 13.40 -17.57 5.51
CA GLU A 6 13.51 -17.00 4.18
C GLU A 6 12.50 -15.88 3.94
N ILE A 7 11.26 -16.11 4.37
CA ILE A 7 10.17 -15.13 4.23
C ILE A 7 10.49 -13.86 5.01
N ILE A 8 10.89 -14.03 6.27
CA ILE A 8 11.23 -12.90 7.13
C ILE A 8 12.37 -12.06 6.53
N GLN A 9 13.41 -12.73 6.07
CA GLN A 9 14.57 -12.07 5.47
C GLN A 9 14.18 -11.34 4.17
N ALA A 10 13.39 -12.00 3.33
CA ALA A 10 12.97 -11.38 2.05
C ALA A 10 12.15 -10.11 2.25
N LEU A 11 11.30 -10.10 3.27
CA LEU A 11 10.41 -8.97 3.52
C LEU A 11 11.00 -7.90 4.44
N GLY A 12 12.13 -8.22 5.09
CA GLY A 12 12.83 -7.29 5.98
C GLY A 12 12.21 -7.07 7.36
N ALA A 13 11.36 -7.99 7.79
CA ALA A 13 10.64 -7.86 9.04
C ALA A 13 11.49 -8.18 10.26
N LYS A 14 11.27 -7.41 11.34
CA LYS A 14 11.96 -7.60 12.60
C LYS A 14 10.96 -7.89 13.72
N PRO A 15 11.39 -8.63 14.77
CA PRO A 15 10.54 -8.93 15.93
C PRO A 15 10.05 -7.71 16.73
N HIS A 16 10.87 -6.67 16.81
N HIS A 16 10.87 -6.66 16.77
CA HIS A 16 10.50 -5.44 17.51
CA HIS A 16 10.58 -5.44 17.51
C HIS A 16 11.05 -4.21 16.77
C HIS A 16 11.08 -4.20 16.78
N ILE A 17 10.34 -3.10 16.87
CA ILE A 17 10.76 -1.83 16.27
C ILE A 17 10.59 -0.64 17.26
N ASN A 18 11.35 0.42 17.01
CA ASN A 18 11.26 1.68 17.77
C ASN A 18 10.41 2.58 16.86
N PRO A 19 9.16 2.88 17.26
CA PRO A 19 8.28 3.66 16.40
C PRO A 19 8.84 5.03 15.95
N GLU A 20 9.41 5.79 16.87
N GLU A 20 9.41 5.80 16.88
CA GLU A 20 9.98 7.09 16.51
CA GLU A 20 9.97 7.09 16.50
C GLU A 20 11.10 6.93 15.47
C GLU A 20 11.09 6.93 15.47
N GLU A 21 11.91 5.89 15.63
CA GLU A 21 12.99 5.60 14.68
C GLU A 21 12.45 5.24 13.30
N GLU A 22 11.40 4.43 13.28
CA GLU A 22 10.82 4.00 12.01
C GLU A 22 10.10 5.13 11.29
N ILE A 23 9.44 6.00 12.05
CA ILE A 23 8.78 7.18 11.45
C ILE A 23 9.87 8.01 10.74
N ARG A 24 10.96 8.27 11.46
CA ARG A 24 12.05 9.05 10.88
C ARG A 24 12.71 8.36 9.66
N ARG A 25 12.95 7.05 9.76
N ARG A 25 12.96 7.06 9.75
CA ARG A 25 13.53 6.29 8.65
CA ARG A 25 13.56 6.33 8.63
C ARG A 25 12.71 6.46 7.36
C ARG A 25 12.72 6.46 7.35
N SER A 26 11.40 6.28 7.48
CA SER A 26 10.48 6.43 6.34
C SER A 26 10.43 7.85 5.79
N VAL A 27 10.31 8.84 6.67
CA VAL A 27 10.25 10.25 6.24
C VAL A 27 11.55 10.66 5.54
N ASP A 28 12.69 10.33 6.15
CA ASP A 28 13.99 10.68 5.58
C ASP A 28 14.27 9.96 4.24
N PHE A 29 13.76 8.74 4.09
CA PHE A 29 13.88 7.97 2.84
C PHE A 29 13.15 8.72 1.71
N LEU A 30 11.91 9.12 1.98
CA LEU A 30 11.12 9.89 1.00
C LEU A 30 11.82 11.19 0.63
N LYS A 31 12.33 11.91 1.63
CA LYS A 31 13.04 13.19 1.38
C LYS A 31 14.31 13.01 0.55
N ALA A 32 15.12 12.00 0.90
CA ALA A 32 16.39 11.75 0.23
C ALA A 32 16.14 11.36 -1.24
N TYR A 33 15.07 10.60 -1.47
CA TYR A 33 14.72 10.18 -2.84
C TYR A 33 14.36 11.41 -3.68
N LEU A 34 13.48 12.26 -3.16
CA LEU A 34 13.11 13.51 -3.83
C LEU A 34 14.30 14.41 -4.11
N LYS A 35 15.22 14.52 -3.15
N LYS A 35 15.22 14.51 -3.15
CA LYS A 35 16.42 15.34 -3.34
CA LYS A 35 16.43 15.32 -3.31
C LYS A 35 17.35 14.80 -4.42
C LYS A 35 17.33 14.79 -4.43
N THR A 36 17.32 13.48 -4.64
CA THR A 36 18.15 12.84 -5.66
C THR A 36 17.66 13.10 -7.08
N TYR A 37 16.35 13.29 -7.21
CA TYR A 37 15.69 13.54 -8.51
C TYR A 37 14.95 14.88 -8.35
N PRO A 38 15.69 16.01 -8.36
CA PRO A 38 15.07 17.31 -8.05
C PRO A 38 13.98 17.85 -9.01
N PHE A 39 13.78 17.22 -10.17
CA PHE A 39 12.66 17.56 -11.06
C PHE A 39 11.32 17.04 -10.49
N LEU A 40 11.37 16.08 -9.57
CA LEU A 40 10.16 15.57 -8.92
C LEU A 40 9.64 16.61 -7.93
N LYS A 41 8.34 16.89 -7.98
CA LYS A 41 7.71 17.88 -7.13
C LYS A 41 6.56 17.37 -6.28
N SER A 42 6.04 16.17 -6.56
CA SER A 42 4.87 15.68 -5.84
C SER A 42 4.95 14.22 -5.40
N LEU A 43 4.33 13.95 -4.24
CA LEU A 43 4.10 12.59 -3.77
C LEU A 43 2.60 12.40 -3.95
N VAL A 44 2.20 11.34 -4.64
CA VAL A 44 0.79 11.06 -4.94
C VAL A 44 0.35 9.77 -4.23
N LEU A 45 -0.79 9.82 -3.54
CA LEU A 45 -1.26 8.65 -2.79
C LEU A 45 -2.78 8.56 -2.69
N GLY A 46 -3.33 7.39 -3.06
CA GLY A 46 -4.73 7.12 -2.87
C GLY A 46 -5.02 6.93 -1.38
N ILE A 47 -6.01 7.65 -0.86
CA ILE A 47 -6.37 7.56 0.55
C ILE A 47 -7.81 7.04 0.67
N SER A 48 -8.03 6.17 1.64
CA SER A 48 -9.37 5.59 1.84
C SER A 48 -9.92 5.74 3.25
N GLY A 49 -9.09 6.15 4.20
CA GLY A 49 -9.47 6.21 5.63
C GLY A 49 -9.01 4.96 6.34
N GLY A 50 -8.37 4.04 5.61
CA GLY A 50 -7.85 2.82 6.19
C GLY A 50 -6.52 3.06 6.89
N GLN A 51 -6.12 2.11 7.73
CA GLN A 51 -4.83 2.22 8.45
C GLN A 51 -3.61 2.52 7.57
N ASP A 52 -3.40 1.68 6.56
CA ASP A 52 -2.18 1.75 5.74
C ASP A 52 -2.02 3.08 4.98
N SER A 53 -3.08 3.54 4.32
CA SER A 53 -3.01 4.80 3.58
C SER A 53 -2.96 6.01 4.52
N THR A 54 -3.59 5.90 5.68
CA THR A 54 -3.50 6.99 6.67
C THR A 54 -2.04 7.14 7.11
N LEU A 55 -1.38 6.04 7.41
CA LEU A 55 0.04 6.06 7.82
C LEU A 55 0.96 6.58 6.70
N ALA A 56 0.87 5.98 5.52
CA ALA A 56 1.70 6.42 4.40
C ALA A 56 1.43 7.90 4.02
N GLY A 57 0.19 8.34 4.17
CA GLY A 57 -0.19 9.73 3.88
C GLY A 57 0.43 10.72 4.87
N LYS A 58 0.40 10.37 6.15
CA LYS A 58 0.99 11.23 7.19
C LYS A 58 2.51 11.36 7.01
N LEU A 59 3.17 10.23 6.75
CA LEU A 59 4.62 10.21 6.50
C LEU A 59 5.00 11.02 5.24
N SER A 60 4.21 10.87 4.17
CA SER A 60 4.43 11.62 2.92
C SER A 60 4.28 13.12 3.09
N GLN A 61 3.25 13.55 3.81
CA GLN A 61 3.02 14.97 4.03
C GLN A 61 4.15 15.56 4.89
N MSE A 62 4.63 14.81 5.88
CA MSE A 62 5.75 15.25 6.71
C MSE A 62 7.00 15.43 5.84
O MSE A 62 7.68 16.46 5.96
CB MSE A 62 6.04 14.28 7.85
CG MSE A 62 4.98 14.25 8.92
SE MSE A 62 5.20 12.76 10.16
CE MSE A 62 6.94 13.22 10.91
N ALA A 63 7.29 14.45 4.98
CA ALA A 63 8.43 14.51 4.06
C ALA A 63 8.38 15.78 3.20
N ILE A 64 7.24 16.02 2.57
CA ILE A 64 7.03 17.20 1.73
C ILE A 64 7.14 18.49 2.53
N ALA A 65 6.46 18.56 3.67
CA ALA A 65 6.46 19.79 4.49
C ALA A 65 7.87 20.20 4.95
N GLU A 66 8.64 19.22 5.40
CA GLU A 66 10.03 19.45 5.82
C GLU A 66 10.93 19.90 4.66
N LEU A 67 10.86 19.18 3.54
CA LEU A 67 11.70 19.49 2.38
C LEU A 67 11.38 20.88 1.83
N ARG A 68 10.10 21.23 1.84
CA ARG A 68 9.63 22.55 1.40
C ARG A 68 10.19 23.68 2.28
N GLU A 69 10.21 23.47 3.59
CA GLU A 69 10.77 24.46 4.51
C GLU A 69 12.28 24.57 4.34
N GLU A 70 12.96 23.43 4.21
CA GLU A 70 14.42 23.41 4.04
C GLU A 70 14.91 24.06 2.74
N THR A 71 14.20 23.79 1.64
CA THR A 71 14.60 24.25 0.30
C THR A 71 13.93 25.55 -0.16
N GLY A 72 12.84 25.90 0.50
CA GLY A 72 12.02 27.06 0.14
C GLY A 72 11.21 26.81 -1.15
N ASP A 73 11.12 25.56 -1.59
CA ASP A 73 10.44 25.21 -2.85
C ASP A 73 8.93 25.01 -2.65
N ASN A 74 8.17 26.07 -2.93
CA ASN A 74 6.72 26.02 -2.76
C ASN A 74 5.98 25.18 -3.79
N ALA A 75 6.69 24.67 -4.80
CA ALA A 75 6.11 23.75 -5.77
C ALA A 75 5.96 22.32 -5.20
N LEU A 76 6.72 21.98 -4.16
CA LEU A 76 6.62 20.65 -3.53
C LEU A 76 5.22 20.48 -2.94
N GLN A 77 4.57 19.36 -3.25
N GLN A 77 4.57 19.37 -3.27
CA GLN A 77 3.20 19.11 -2.82
CA GLN A 77 3.22 19.05 -2.83
C GLN A 77 2.91 17.62 -2.56
C GLN A 77 2.99 17.59 -2.51
N PHE A 78 2.16 17.34 -1.50
CA PHE A 78 1.67 16.00 -1.22
C PHE A 78 0.24 16.04 -1.76
N ILE A 79 -0.11 15.07 -2.62
CA ILE A 79 -1.43 15.01 -3.25
C ILE A 79 -2.16 13.73 -2.84
N ALA A 80 -3.18 13.89 -2.00
CA ALA A 80 -4.04 12.80 -1.56
C ALA A 80 -5.14 12.63 -2.61
N VAL A 81 -5.45 11.39 -2.98
CA VAL A 81 -6.45 11.14 -4.00
C VAL A 81 -7.53 10.19 -3.46
N ARG A 82 -8.77 10.66 -3.39
N ARG A 82 -8.78 10.64 -3.45
CA ARG A 82 -9.91 9.82 -3.03
CA ARG A 82 -9.90 9.83 -3.03
C ARG A 82 -10.31 9.12 -4.33
C ARG A 82 -10.36 9.13 -4.31
N LEU A 83 -10.49 7.79 -4.26
CA LEU A 83 -10.81 6.99 -5.43
C LEU A 83 -12.06 6.11 -5.24
N PRO A 84 -13.21 6.75 -5.00
CA PRO A 84 -14.43 5.96 -4.81
C PRO A 84 -14.90 5.23 -6.07
N TYR A 85 -15.52 4.09 -5.88
CA TYR A 85 -16.17 3.38 -6.96
C TYR A 85 -17.64 3.81 -6.87
N GLY A 86 -18.01 4.79 -7.67
CA GLY A 86 -19.36 5.32 -7.73
C GLY A 86 -19.62 6.48 -6.78
N VAL A 87 -20.71 7.20 -7.03
CA VAL A 87 -21.12 8.28 -6.14
C VAL A 87 -21.78 7.58 -4.95
N GLN A 88 -20.96 7.10 -4.02
CA GLN A 88 -21.42 6.38 -2.82
C GLN A 88 -21.21 7.16 -1.52
N ALA A 89 -21.81 8.35 -1.46
CA ALA A 89 -21.78 9.22 -0.28
C ALA A 89 -20.37 9.71 0.13
N ASP A 90 -20.20 10.13 1.38
N ASP A 90 -20.28 10.15 1.39
CA ASP A 90 -18.89 10.61 1.86
CA ASP A 90 -19.07 10.68 2.02
C ASP A 90 -18.58 9.90 3.18
C ASP A 90 -18.72 9.78 3.20
N GLU A 91 -17.49 9.14 3.22
N GLU A 91 -17.48 9.30 3.28
CA GLU A 91 -17.16 8.35 4.40
CA GLU A 91 -17.11 8.41 4.37
C GLU A 91 -16.36 9.09 5.46
C GLU A 91 -16.36 9.13 5.47
N GLN A 92 -16.81 8.95 6.72
CA GLN A 92 -16.21 9.62 7.87
C GLN A 92 -14.76 9.24 8.16
N ASP A 93 -14.40 7.97 7.96
CA ASP A 93 -13.01 7.55 8.22
C ASP A 93 -12.05 8.28 7.29
N CYS A 94 -12.46 8.44 6.04
CA CYS A 94 -11.65 9.15 5.06
C CYS A 94 -11.54 10.63 5.45
N GLN A 95 -12.66 11.23 5.87
CA GLN A 95 -12.65 12.63 6.30
C GLN A 95 -11.77 12.84 7.53
N ASP A 96 -11.82 11.90 8.47
CA ASP A 96 -11.00 11.97 9.67
C ASP A 96 -9.51 11.80 9.35
N ALA A 97 -9.20 10.94 8.38
CA ALA A 97 -7.80 10.73 7.94
C ALA A 97 -7.26 12.00 7.30
N ILE A 98 -8.08 12.65 6.47
CA ILE A 98 -7.72 13.94 5.87
C ILE A 98 -7.46 15.02 6.93
N ALA A 99 -8.31 15.09 7.96
CA ALA A 99 -8.13 16.05 9.05
C ALA A 99 -6.81 15.84 9.79
N PHE A 100 -6.41 14.57 9.92
CA PHE A 100 -5.17 14.21 10.61
C PHE A 100 -3.92 14.50 9.79
N ILE A 101 -4.01 14.19 8.50
CA ILE A 101 -2.90 14.37 7.56
C ILE A 101 -2.68 15.83 7.18
N GLN A 102 -3.76 16.59 7.05
CA GLN A 102 -3.70 17.98 6.56
C GLN A 102 -2.95 18.02 5.20
N PRO A 103 -3.47 17.30 4.20
CA PRO A 103 -2.77 17.25 2.92
C PRO A 103 -2.79 18.59 2.19
N ASP A 104 -1.72 18.85 1.43
CA ASP A 104 -1.60 20.07 0.63
C ASP A 104 -2.73 20.20 -0.39
N ARG A 105 -3.09 19.05 -0.99
CA ARG A 105 -4.09 18.99 -2.03
C ARG A 105 -4.87 17.67 -1.95
N VAL A 106 -6.18 17.74 -2.18
CA VAL A 106 -7.03 16.54 -2.19
C VAL A 106 -7.79 16.51 -3.50
N LEU A 107 -7.63 15.41 -4.24
CA LEU A 107 -8.35 15.22 -5.50
C LEU A 107 -9.31 14.06 -5.30
N THR A 108 -10.47 14.12 -5.96
CA THR A 108 -11.46 13.04 -5.87
C THR A 108 -11.77 12.56 -7.30
N VAL A 109 -11.47 11.29 -7.58
CA VAL A 109 -11.67 10.71 -8.92
C VAL A 109 -12.57 9.48 -8.83
N ASN A 110 -13.76 9.56 -9.42
CA ASN A 110 -14.73 8.45 -9.42
C ASN A 110 -14.38 7.47 -10.53
N ILE A 111 -13.92 6.30 -10.12
CA ILE A 111 -13.43 5.28 -11.06
C ILE A 111 -14.49 4.40 -11.71
N LYS A 112 -15.76 4.55 -11.30
CA LYS A 112 -16.80 3.64 -11.79
C LYS A 112 -17.05 3.67 -13.29
N GLY A 113 -17.12 4.86 -13.88
CA GLY A 113 -17.36 4.98 -15.31
C GLY A 113 -16.34 4.23 -16.17
N ALA A 114 -15.07 4.36 -15.82
CA ALA A 114 -14.00 3.68 -16.56
C ALA A 114 -14.06 2.15 -16.38
N VAL A 115 -14.32 1.69 -15.16
CA VAL A 115 -14.42 0.25 -14.91
C VAL A 115 -15.58 -0.34 -15.71
N LEU A 116 -16.74 0.33 -15.71
CA LEU A 116 -17.90 -0.14 -16.46
C LEU A 116 -17.63 -0.13 -17.96
N ALA A 117 -16.85 0.86 -18.43
CA ALA A 117 -16.50 0.94 -19.84
C ALA A 117 -15.59 -0.21 -20.23
N SER A 118 -14.61 -0.52 -19.37
CA SER A 118 -13.73 -1.66 -19.62
C SER A 118 -14.55 -2.97 -19.75
N GLU A 119 -15.50 -3.15 -18.83
N GLU A 119 -15.51 -3.19 -18.85
CA GLU A 119 -16.36 -4.33 -18.80
CA GLU A 119 -16.32 -4.40 -18.91
C GLU A 119 -17.24 -4.48 -20.06
C GLU A 119 -17.21 -4.49 -20.13
N GLN A 120 -17.74 -3.36 -20.58
CA GLN A 120 -18.57 -3.36 -21.78
C GLN A 120 -17.73 -3.74 -23.02
N ALA A 121 -16.49 -3.27 -23.10
CA ALA A 121 -15.61 -3.59 -24.22
C ALA A 121 -15.30 -5.08 -24.22
N LEU A 122 -15.08 -5.63 -23.04
CA LEU A 122 -14.85 -7.08 -22.89
C LEU A 122 -16.12 -7.88 -23.25
N ARG A 123 -17.27 -7.39 -22.79
N ARG A 123 -17.29 -7.41 -22.79
CA ARG A 123 -18.56 -7.98 -23.11
CA ARG A 123 -18.55 -8.09 -23.14
C ARG A 123 -18.77 -8.11 -24.62
C ARG A 123 -18.73 -8.15 -24.67
N GLU A 124 -18.42 -7.07 -25.37
CA GLU A 124 -18.55 -7.07 -26.82
C GLU A 124 -17.59 -8.06 -27.50
N ALA A 125 -16.44 -8.30 -26.85
CA ALA A 125 -15.46 -9.27 -27.32
C ALA A 125 -15.84 -10.69 -26.93
N GLY A 126 -16.92 -10.87 -26.17
CA GLY A 126 -17.39 -12.20 -25.77
C GLY A 126 -16.93 -12.68 -24.39
N ILE A 127 -16.38 -11.77 -23.59
CA ILE A 127 -15.88 -12.08 -22.24
C ILE A 127 -16.70 -11.35 -21.15
N GLU A 128 -17.39 -12.12 -20.31
CA GLU A 128 -18.14 -11.62 -19.17
C GLU A 128 -17.31 -11.77 -17.91
N LEU A 129 -16.98 -10.68 -17.23
CA LEU A 129 -16.13 -10.75 -16.05
C LEU A 129 -16.89 -11.15 -14.79
N SER A 130 -16.22 -11.91 -13.93
CA SER A 130 -16.78 -12.25 -12.63
C SER A 130 -16.58 -11.10 -11.66
N ASP A 131 -17.36 -11.10 -10.57
CA ASP A 131 -17.23 -10.09 -9.49
C ASP A 131 -15.79 -10.07 -8.97
N PHE A 132 -15.19 -11.26 -8.85
CA PHE A 132 -13.82 -11.39 -8.36
C PHE A 132 -12.81 -10.65 -9.26
N VAL A 133 -12.84 -10.93 -10.57
CA VAL A 133 -11.95 -10.28 -11.51
C VAL A 133 -12.23 -8.77 -11.59
N ARG A 134 -13.50 -8.36 -11.42
CA ARG A 134 -13.84 -6.94 -11.45
C ARG A 134 -13.16 -6.20 -10.30
N GLY A 135 -12.99 -6.85 -9.15
CA GLY A 135 -12.27 -6.24 -8.02
C GLY A 135 -10.83 -5.89 -8.40
N ASN A 136 -10.18 -6.77 -9.16
CA ASN A 136 -8.81 -6.50 -9.62
C ASN A 136 -8.78 -5.40 -10.69
N GLU A 137 -9.82 -5.36 -11.50
N GLU A 137 -9.81 -5.35 -11.53
CA GLU A 137 -10.00 -4.33 -12.49
CA GLU A 137 -9.95 -4.29 -12.52
C GLU A 137 -10.06 -2.94 -11.80
C GLU A 137 -10.07 -2.92 -11.80
N LYS A 138 -10.86 -2.85 -10.73
CA LYS A 138 -10.97 -1.61 -9.96
C LYS A 138 -9.61 -1.16 -9.41
N ALA A 139 -8.84 -2.12 -8.87
CA ALA A 139 -7.51 -1.80 -8.31
C ALA A 139 -6.58 -1.27 -9.39
N ARG A 140 -6.69 -1.80 -10.60
CA ARG A 140 -5.89 -1.34 -11.73
C ARG A 140 -6.33 0.03 -12.24
N GLU A 141 -7.62 0.34 -12.15
CA GLU A 141 -8.09 1.67 -12.51
C GLU A 141 -7.59 2.72 -11.51
N ARG A 142 -7.52 2.35 -10.22
CA ARG A 142 -6.98 3.25 -9.20
C ARG A 142 -5.49 3.53 -9.47
N MSE A 143 -4.75 2.49 -9.89
CA MSE A 143 -3.35 2.64 -10.28
C MSE A 143 -3.27 3.65 -11.43
O MSE A 143 -2.50 4.64 -11.36
CB MSE A 143 -2.73 1.28 -10.68
CG MSE A 143 -1.23 1.28 -11.04
SE MSE A 143 -0.86 1.84 -12.87
CE MSE A 143 -1.67 0.24 -13.77
N LYS A 144 -4.06 3.42 -12.47
N LYS A 144 -4.04 3.42 -12.49
CA LYS A 144 -4.08 4.26 -13.68
CA LYS A 144 -4.00 4.30 -13.66
C LYS A 144 -4.29 5.74 -13.35
C LYS A 144 -4.26 5.77 -13.32
N ALA A 145 -5.28 6.04 -12.49
CA ALA A 145 -5.59 7.42 -12.08
C ALA A 145 -4.42 8.10 -11.37
N GLN A 146 -3.81 7.40 -10.42
CA GLN A 146 -2.66 7.94 -9.71
C GLN A 146 -1.47 8.20 -10.65
N TYR A 147 -1.22 7.29 -11.60
CA TYR A 147 -0.13 7.47 -12.59
C TYR A 147 -0.40 8.64 -13.54
N SER A 148 -1.67 8.85 -13.90
CA SER A 148 -2.02 10.00 -14.75
C SER A 148 -1.79 11.32 -13.98
N ILE A 149 -2.19 11.35 -12.72
CA ILE A 149 -1.97 12.53 -11.85
C ILE A 149 -0.45 12.78 -11.69
N ALA A 150 0.30 11.72 -11.37
CA ALA A 150 1.77 11.82 -11.24
C ALA A 150 2.40 12.39 -12.52
N GLY A 151 1.92 11.90 -13.66
CA GLY A 151 2.37 12.32 -14.97
C GLY A 151 2.17 13.80 -15.26
N MSE A 152 1.16 14.40 -14.64
CA MSE A 152 0.82 15.82 -14.83
C MSE A 152 1.36 16.76 -13.75
O MSE A 152 1.20 17.97 -13.88
CB MSE A 152 -0.71 16.00 -14.89
CG MSE A 152 -1.39 15.32 -16.06
SE MSE A 152 -0.69 15.77 -17.81
CE MSE A 152 -1.22 17.66 -17.90
N THR A 153 1.98 16.21 -12.70
CA THR A 153 2.45 16.99 -11.55
C THR A 153 3.90 16.69 -11.13
N HIS A 154 4.70 16.11 -12.03
CA HIS A 154 6.08 15.71 -11.70
C HIS A 154 6.07 14.87 -10.41
N GLY A 155 5.14 13.93 -10.35
CA GLY A 155 5.01 13.13 -9.16
C GLY A 155 5.50 11.70 -9.22
N VAL A 156 5.60 11.10 -8.05
CA VAL A 156 5.81 9.65 -7.93
C VAL A 156 4.66 9.12 -7.06
N VAL A 157 4.29 7.87 -7.32
CA VAL A 157 3.17 7.23 -6.62
C VAL A 157 3.67 6.44 -5.41
N VAL A 158 3.19 6.82 -4.23
CA VAL A 158 3.55 6.16 -2.98
C VAL A 158 2.65 4.90 -2.82
N GLY A 159 3.25 3.79 -2.44
CA GLY A 159 2.52 2.56 -2.19
C GLY A 159 2.39 2.30 -0.69
N THR A 160 1.34 1.59 -0.30
CA THR A 160 1.10 1.22 1.10
C THR A 160 1.55 -0.19 1.47
N ASP A 161 2.17 -0.93 0.55
CA ASP A 161 2.58 -2.30 0.85
C ASP A 161 3.53 -2.41 2.06
N HIS A 162 3.32 -3.48 2.81
CA HIS A 162 4.08 -3.80 4.00
C HIS A 162 4.12 -5.32 4.13
N ALA A 163 4.91 -5.82 5.10
CA ALA A 163 5.15 -7.25 5.26
C ALA A 163 3.89 -8.10 5.46
N ALA A 164 2.95 -7.59 6.27
CA ALA A 164 1.71 -8.33 6.60
C ALA A 164 0.72 -8.44 5.43
N GLU A 165 0.90 -7.60 4.40
CA GLU A 165 0.12 -7.67 3.17
C GLU A 165 0.88 -8.50 2.12
N ALA A 166 2.18 -8.29 2.01
CA ALA A 166 3.01 -8.95 1.01
C ALA A 166 3.20 -10.44 1.20
N ILE A 167 3.27 -10.88 2.46
CA ILE A 167 3.51 -12.29 2.78
C ILE A 167 2.50 -13.24 2.09
N THR A 168 1.23 -12.84 2.00
CA THR A 168 0.21 -13.67 1.37
C THR A 168 -0.07 -13.29 -0.09
N GLY A 169 0.56 -12.21 -0.58
CA GLY A 169 0.30 -11.71 -1.92
C GLY A 169 -1.12 -11.15 -2.03
N PHE A 170 -1.64 -10.62 -0.93
CA PHE A 170 -3.02 -10.10 -0.88
C PHE A 170 -3.09 -8.63 -1.36
N PHE A 171 -2.74 -8.49 -2.62
CA PHE A 171 -2.79 -7.23 -3.37
C PHE A 171 -2.94 -7.61 -4.85
N THR A 172 -3.37 -6.64 -5.65
CA THR A 172 -3.57 -6.86 -7.07
C THR A 172 -2.28 -6.57 -7.84
N LYS A 173 -1.88 -7.52 -8.67
CA LYS A 173 -0.67 -7.39 -9.50
C LYS A 173 -0.86 -6.23 -10.49
N TYR A 174 0.03 -5.24 -10.40
CA TYR A 174 -0.07 -3.99 -11.18
C TYR A 174 -1.32 -3.16 -10.89
N GLY A 175 -1.94 -3.42 -9.74
CA GLY A 175 -3.08 -2.64 -9.24
C GLY A 175 -2.50 -1.85 -8.06
N ASP A 176 -2.89 -2.19 -6.84
CA ASP A 176 -2.25 -1.54 -5.66
C ASP A 176 -0.79 -1.98 -5.48
N GLY A 177 -0.38 -3.02 -6.22
CA GLY A 177 1.04 -3.41 -6.29
C GLY A 177 1.87 -2.51 -7.24
N GLY A 178 1.20 -1.80 -8.15
CA GLY A 178 1.85 -0.90 -9.12
C GLY A 178 2.15 0.49 -8.56
N THR A 179 3.32 0.62 -7.92
CA THR A 179 3.73 1.86 -7.26
C THR A 179 5.19 2.19 -7.54
N ASP A 180 5.61 3.38 -7.13
CA ASP A 180 6.99 3.83 -7.35
C ASP A 180 7.89 3.68 -6.11
N ILE A 181 7.34 4.04 -4.96
CA ILE A 181 8.12 4.10 -3.72
C ILE A 181 7.25 3.66 -2.54
N ASN A 182 7.77 2.71 -1.75
CA ASN A 182 7.02 2.04 -0.67
C ASN A 182 7.61 2.27 0.71
N PRO A 183 7.18 3.35 1.38
CA PRO A 183 7.79 3.68 2.69
C PRO A 183 7.44 2.78 3.87
N LEU A 184 6.40 1.94 3.72
CA LEU A 184 5.98 1.00 4.79
C LEU A 184 6.59 -0.38 4.67
N HIS A 185 7.25 -0.69 3.53
CA HIS A 185 7.91 -1.98 3.34
C HIS A 185 8.90 -2.24 4.48
N ARG A 186 8.68 -3.41 5.12
CA ARG A 186 9.40 -4.00 6.27
C ARG A 186 8.51 -4.20 7.49
N LEU A 187 7.49 -3.35 7.65
CA LEU A 187 6.64 -3.33 8.85
C LEU A 187 5.52 -4.35 8.81
N ASN A 188 5.18 -4.90 9.98
CA ASN A 188 4.03 -5.79 10.07
C ASN A 188 2.81 -4.94 10.45
N LYS A 189 1.64 -5.55 10.60
CA LYS A 189 0.42 -4.77 10.82
C LYS A 189 0.39 -4.04 12.18
N ARG A 190 0.67 -4.77 13.26
CA ARG A 190 0.66 -4.16 14.60
C ARG A 190 1.71 -3.06 14.74
N GLN A 191 2.83 -3.21 14.02
CA GLN A 191 3.89 -2.19 14.01
C GLN A 191 3.38 -0.91 13.32
N GLY A 192 2.62 -1.04 12.24
CA GLY A 192 2.00 0.14 11.61
C GLY A 192 1.15 0.89 12.61
N LYS A 193 0.41 0.14 13.44
CA LYS A 193 -0.41 0.75 14.49
C LYS A 193 0.47 1.52 15.50
N GLN A 194 1.61 0.95 15.89
CA GLN A 194 2.53 1.64 16.82
C GLN A 194 3.00 2.99 16.26
N LEU A 195 3.28 3.04 14.95
CA LEU A 195 3.70 4.31 14.32
C LEU A 195 2.56 5.31 14.37
N LEU A 196 1.34 4.88 14.01
CA LEU A 196 0.19 5.78 14.05
C LEU A 196 -0.06 6.30 15.48
N ALA A 197 0.10 5.43 16.49
CA ALA A 197 -0.08 5.84 17.89
C ALA A 197 0.94 6.92 18.24
N ALA A 198 2.20 6.71 17.83
CA ALA A 198 3.26 7.67 18.07
C ALA A 198 3.01 9.02 17.38
N LEU A 199 2.32 9.00 16.24
CA LEU A 199 2.00 10.21 15.49
C LEU A 199 0.74 10.92 15.96
N GLY A 200 0.01 10.32 16.90
CA GLY A 200 -1.19 10.92 17.44
C GLY A 200 -2.42 10.73 16.57
N CYS A 201 -2.42 9.68 15.75
CA CYS A 201 -3.55 9.37 14.91
C CYS A 201 -4.76 9.03 15.79
N PRO A 202 -5.96 9.51 15.42
CA PRO A 202 -7.18 9.11 16.12
C PRO A 202 -7.26 7.58 16.17
N GLU A 203 -7.47 7.02 17.36
CA GLU A 203 -7.48 5.56 17.55
C GLU A 203 -8.46 4.77 16.68
N HIS A 204 -9.60 5.38 16.37
CA HIS A 204 -10.63 4.69 15.58
C HIS A 204 -10.21 4.37 14.14
N LEU A 205 -9.17 5.05 13.66
CA LEU A 205 -8.66 4.80 12.28
C LEU A 205 -7.73 3.58 12.17
N TYR A 206 -7.30 3.03 13.31
CA TYR A 206 -6.44 1.84 13.28
C TYR A 206 -6.78 0.78 14.34
N LYS A 207 -7.56 1.15 15.35
CA LYS A 207 -7.90 0.21 16.41
C LYS A 207 -8.98 -0.76 15.93
N LYS A 208 -8.69 -2.05 16.16
CA LYS A 208 -9.56 -3.16 15.77
C LYS A 208 -10.37 -3.67 16.97
N PRO A 222 -16.51 -12.87 9.92
CA PRO A 222 -15.26 -13.11 10.65
C PRO A 222 -14.12 -12.23 10.14
N ASP A 223 -13.53 -11.45 11.04
CA ASP A 223 -12.41 -10.59 10.64
C ASP A 223 -11.11 -11.39 10.74
N GLU A 224 -10.53 -11.67 9.59
CA GLU A 224 -9.31 -12.47 9.48
C GLU A 224 -8.56 -12.03 8.23
N ALA A 225 -7.26 -12.30 8.19
CA ALA A 225 -6.43 -11.95 7.05
C ALA A 225 -6.70 -12.93 5.91
N ALA A 226 -6.80 -14.20 6.26
CA ALA A 226 -7.13 -15.29 5.32
C ALA A 226 -7.93 -16.35 6.06
N LEU A 227 -8.43 -17.36 5.34
CA LEU A 227 -9.24 -18.40 5.98
C LEU A 227 -8.44 -19.07 7.09
N GLY A 228 -8.92 -18.98 8.33
CA GLY A 228 -8.25 -19.58 9.47
C GLY A 228 -6.94 -18.91 9.86
N VAL A 229 -6.72 -17.68 9.40
CA VAL A 229 -5.50 -16.93 9.70
C VAL A 229 -5.84 -15.48 10.06
N THR A 230 -5.53 -15.10 11.29
CA THR A 230 -5.78 -13.73 11.76
C THR A 230 -4.58 -12.84 11.50
N TYR A 231 -4.77 -11.52 11.61
N TYR A 231 -4.80 -11.54 11.69
CA TYR A 231 -3.61 -10.62 11.48
CA TYR A 231 -3.74 -10.56 11.56
C TYR A 231 -2.61 -10.86 12.62
C TYR A 231 -2.66 -10.80 12.62
N ASP A 232 -3.09 -11.20 13.82
CA ASP A 232 -2.17 -11.52 14.92
C ASP A 232 -1.33 -12.74 14.56
N ASN A 233 -1.94 -13.75 13.91
CA ASN A 233 -1.20 -14.92 13.42
C ASN A 233 -0.07 -14.52 12.46
N ILE A 234 -0.42 -13.69 11.47
CA ILE A 234 0.53 -13.23 10.45
C ILE A 234 1.67 -12.43 11.09
N ASP A 235 1.34 -11.48 11.98
CA ASP A 235 2.36 -10.67 12.63
C ASP A 235 3.27 -11.55 13.50
N ASP A 236 2.69 -12.50 14.23
CA ASP A 236 3.48 -13.41 15.05
C ASP A 236 4.46 -14.21 14.19
N TYR A 237 3.99 -14.68 13.04
CA TYR A 237 4.83 -15.43 12.10
C TYR A 237 5.98 -14.55 11.60
N LEU A 238 5.66 -13.31 11.23
CA LEU A 238 6.66 -12.33 10.76
C LEU A 238 7.68 -11.95 11.83
N GLU A 239 7.30 -12.11 13.10
CA GLU A 239 8.18 -11.85 14.24
C GLU A 239 8.98 -13.11 14.67
N GLY A 240 8.88 -14.18 13.89
CA GLY A 240 9.64 -15.42 14.13
C GLY A 240 9.07 -16.43 15.11
N LYS A 241 7.82 -16.25 15.50
CA LYS A 241 7.18 -17.16 16.45
C LYS A 241 6.74 -18.45 15.79
N THR A 242 6.61 -19.50 16.60
CA THR A 242 6.17 -20.82 16.12
C THR A 242 4.66 -20.95 16.32
N LEU A 243 3.94 -21.13 15.22
CA LEU A 243 2.49 -21.30 15.28
C LEU A 243 2.06 -22.75 15.01
N ASP A 244 0.78 -23.00 15.23
CA ASP A 244 0.11 -24.25 14.84
C ASP A 244 0.57 -24.58 13.40
N PRO A 245 1.01 -25.83 13.14
CA PRO A 245 1.46 -26.17 11.78
C PRO A 245 0.43 -25.87 10.69
N ALA A 246 -0.86 -25.96 11.03
CA ALA A 246 -1.93 -25.70 10.06
C ALA A 246 -1.94 -24.23 9.61
N ILE A 247 -1.70 -23.33 10.56
CA ILE A 247 -1.68 -21.88 10.29
C ILE A 247 -0.42 -21.55 9.50
N ALA A 248 0.72 -22.05 9.96
CA ALA A 248 1.99 -21.81 9.26
C ALA A 248 1.95 -22.34 7.82
N LYS A 249 1.43 -23.55 7.64
N LYS A 249 1.42 -23.55 7.64
CA LYS A 249 1.34 -24.14 6.31
CA LYS A 249 1.34 -24.15 6.31
C LYS A 249 0.49 -23.31 5.36
C LYS A 249 0.49 -23.31 5.36
N THR A 250 -0.61 -22.75 5.88
CA THR A 250 -1.52 -21.94 5.08
C THR A 250 -0.82 -20.65 4.66
N ILE A 251 -0.15 -20.02 5.62
CA ILE A 251 0.61 -18.79 5.34
C ILE A 251 1.70 -19.06 4.28
N GLU A 252 2.45 -20.14 4.49
CA GLU A 252 3.55 -20.50 3.59
C GLU A 252 3.07 -20.85 2.20
N GLY A 253 1.87 -21.43 2.11
CA GLY A 253 1.27 -21.79 0.83
C GLY A 253 0.93 -20.55 0.00
N TRP A 254 0.38 -19.53 0.65
CA TRP A 254 0.06 -18.27 -0.05
C TRP A 254 1.35 -17.57 -0.53
N TYR A 255 2.37 -17.56 0.32
CA TYR A 255 3.66 -16.95 -0.03
C TYR A 255 4.23 -17.58 -1.31
N VAL A 256 4.35 -18.90 -1.30
CA VAL A 256 4.89 -19.65 -2.43
C VAL A 256 4.06 -19.46 -3.70
N LYS A 257 2.74 -19.49 -3.56
CA LYS A 257 1.86 -19.33 -4.71
C LYS A 257 2.02 -17.97 -5.40
N THR A 258 2.29 -16.95 -4.60
CA THR A 258 2.35 -15.57 -5.07
C THR A 258 3.74 -14.98 -5.25
N GLU A 259 4.76 -15.84 -5.34
N GLU A 259 4.76 -15.82 -5.34
CA GLU A 259 6.12 -15.39 -5.57
CA GLU A 259 6.11 -15.35 -5.53
C GLU A 259 6.18 -14.47 -6.78
C GLU A 259 6.21 -14.48 -6.79
N HIS A 260 5.43 -14.82 -7.82
CA HIS A 260 5.38 -14.00 -9.07
C HIS A 260 4.97 -12.55 -8.85
N LYS A 261 4.17 -12.30 -7.83
CA LYS A 261 3.73 -10.92 -7.54
C LYS A 261 4.86 -10.07 -6.91
N ARG A 262 5.84 -10.71 -6.28
CA ARG A 262 6.93 -10.00 -5.60
C ARG A 262 8.24 -10.01 -6.41
N ARG A 263 8.13 -10.36 -7.69
CA ARG A 263 9.29 -10.40 -8.57
C ARG A 263 8.97 -9.73 -9.92
N LEU A 264 10.02 -9.32 -10.63
CA LEU A 264 9.88 -8.69 -11.94
C LEU A 264 9.37 -9.74 -12.96
N PRO A 265 8.84 -9.28 -14.10
CA PRO A 265 8.42 -10.26 -15.13
C PRO A 265 9.50 -11.32 -15.36
N ILE A 266 9.07 -12.56 -15.55
CA ILE A 266 9.99 -13.70 -15.63
C ILE A 266 10.70 -13.81 -16.98
N THR A 267 12.01 -14.05 -16.91
CA THR A 267 12.87 -14.19 -18.09
C THR A 267 13.56 -15.56 -18.09
N VAL A 268 14.21 -15.89 -19.20
CA VAL A 268 14.96 -17.15 -19.32
C VAL A 268 16.11 -17.29 -18.29
N PHE A 269 16.51 -16.19 -17.65
CA PHE A 269 17.60 -16.20 -16.65
C PHE A 269 17.17 -16.50 -15.21
N ASP A 270 15.86 -16.45 -14.94
CA ASP A 270 15.37 -16.68 -13.58
C ASP A 270 15.36 -18.18 -13.24
N ASP A 271 15.67 -18.52 -11.99
CA ASP A 271 15.61 -19.91 -11.51
C ASP A 271 14.68 -20.11 -10.30
N PHE A 272 14.19 -19.03 -9.68
CA PHE A 272 13.39 -19.17 -8.45
C PHE A 272 12.17 -20.07 -8.58
N TRP A 273 11.53 -20.03 -9.76
CA TRP A 273 10.31 -20.80 -10.01
C TRP A 273 10.51 -22.28 -10.32
N LYS A 274 11.74 -22.70 -10.57
CA LYS A 274 12.00 -24.07 -10.98
C LYS A 274 11.93 -25.09 -9.83
N ARG A 275 11.36 -26.26 -10.11
CA ARG A 275 11.25 -27.35 -9.13
C ARG A 275 12.57 -28.12 -8.99
S SO4 B . -5.74 1.51 2.67
O1 SO4 B . -5.65 2.43 3.80
O2 SO4 B . -6.02 0.16 3.09
O3 SO4 B . -6.80 1.95 1.80
O4 SO4 B . -4.49 1.52 1.89
S SO4 C . -15.18 -0.91 -3.94
O1 SO4 C . -14.31 0.26 -3.99
O2 SO4 C . -15.76 -1.03 -2.60
O3 SO4 C . -16.29 -0.82 -4.90
O4 SO4 C . -14.36 -2.09 -4.19
S SO4 D . -7.74 -1.28 7.71
O1 SO4 D . -7.81 -0.13 8.62
O2 SO4 D . -6.63 -2.16 8.03
O3 SO4 D . -8.98 -2.03 7.71
O4 SO4 D . -7.56 -0.73 6.37
S SO4 E . -19.51 -4.02 -7.36
O1 SO4 E . -19.11 -3.25 -6.18
O2 SO4 E . -19.62 -5.43 -7.00
O3 SO4 E . -20.80 -3.52 -7.83
O4 SO4 E . -18.51 -3.86 -8.42
S SO4 F . 8.29 4.97 -28.69
O1 SO4 F . 7.47 5.52 -27.62
O2 SO4 F . 8.18 3.50 -28.63
O3 SO4 F . 7.74 5.43 -29.96
O4 SO4 F . 9.69 5.34 -28.55
S SO4 G . 16.72 -16.30 -9.33
O1 SO4 G . 17.09 -14.91 -9.15
O2 SO4 G . 16.86 -16.97 -8.04
O3 SO4 G . 15.37 -16.44 -9.86
O4 SO4 G . 17.64 -16.90 -10.30
S SO4 H . -23.32 5.62 -9.09
O1 SO4 H . -24.52 6.44 -9.13
O2 SO4 H . -23.09 5.12 -7.75
O3 SO4 H . -23.49 4.50 -10.00
O4 SO4 H . -22.17 6.43 -9.50
S SO4 I . 10.96 -25.49 6.68
O1 SO4 I . 10.12 -24.57 7.44
O2 SO4 I . 11.99 -26.05 7.56
O3 SO4 I . 10.13 -26.57 6.17
O4 SO4 I . 11.58 -24.79 5.57
PA NAD J . 5.83 6.25 -17.64
O1A NAD J . 6.31 4.99 -18.29
O2A NAD J . 4.44 6.39 -17.11
O5B NAD J . 6.88 6.68 -16.52
C5B NAD J . 6.68 7.90 -15.78
C4B NAD J . 6.16 7.57 -14.38
O4B NAD J . 7.17 6.88 -13.65
C3B NAD J . 5.83 8.83 -13.58
O3B NAD J . 4.45 9.21 -13.68
C2B NAD J . 6.17 8.42 -12.17
O2B NAD J . 5.01 7.80 -11.59
C1B NAD J . 7.28 7.42 -12.32
N9A NAD J . 8.65 7.98 -12.15
C8A NAD J . 9.24 8.95 -12.89
N7A NAD J . 10.51 9.14 -12.44
C5A NAD J . 10.70 8.30 -11.41
C6A NAD J . 11.77 8.04 -10.56
N6A NAD J . 12.96 8.72 -10.68
N1A NAD J . 11.64 7.09 -9.60
C2A NAD J . 10.48 6.39 -9.48
N3A NAD J . 9.43 6.60 -10.29
C4A NAD J . 9.53 7.56 -11.26
O3 NAD J . 5.85 7.46 -18.72
PN NAD J . 7.09 8.16 -19.45
O1N NAD J . 6.95 9.65 -19.18
O2N NAD J . 8.41 7.48 -19.21
O5D NAD J . 6.67 8.02 -20.98
C5D NAD J . 6.71 6.72 -21.58
C4D NAD J . 6.35 6.82 -23.05
O4D NAD J . 7.16 7.81 -23.71
C3D NAD J . 6.62 5.48 -23.71
O3D NAD J . 5.71 5.22 -24.78
C2D NAD J . 8.00 5.70 -24.24
O2D NAD J . 8.39 4.80 -25.28
C1D NAD J . 7.97 7.17 -24.69
N1N NAD J . 9.41 7.54 -24.74
C2N NAD J . 9.90 7.69 -26.05
C3N NAD J . 10.97 8.52 -26.35
C7N NAD J . 11.52 8.56 -27.75
O7N NAD J . 11.02 7.90 -28.66
N7N NAD J . 12.58 9.33 -27.95
C4N NAD J . 11.48 9.33 -25.36
C5N NAD J . 10.96 9.28 -24.08
C6N NAD J . 9.89 8.46 -23.78
#